data_9RM7
#
_entry.id   9RM7
#
_cell.length_a   42.484
_cell.length_b   42.484
_cell.length_c   218.029
_cell.angle_alpha   90.000
_cell.angle_beta   90.000
_cell.angle_gamma   90.000
#
_symmetry.space_group_name_H-M   'P 43 2 2'
#
loop_
_entity.id
_entity.type
_entity.pdbx_description
1 polymer 'Serine protease subunit NS2B,Serine protease NS3'
2 non-polymer 'DIMETHYL SULFOXIDE'
3 non-polymer (2~{S})-~{N}-[2,2-bis(fluoranyl)ethyl]-2-(2,3-dihydro-1~{H}-isoindol-5-ylamino)-2-[3-methyl-5-(trifluoromethyl)phenyl]ethanamide
4 water water
#
_entity_poly.entity_id   1
_entity_poly.type   'polypeptide(L)'
_entity_poly.pdbx_seq_one_letter_code
;SMGKSVDMYIERAGDITWEKDAEVTGNSPRLDVALDESGDFSLVEEMKEVKKGETTDGVYRVMTRRLLGSTQVGVGVMQE
GVFHTMWHVTKGAALRSGEGRLDPYWGDVKQDLVSYCGPWKLDAAWDGLSEVQLLAVPPGERAKNIQTLPGIFKTKDGDI
GAVALDYPAGTSGSPILDKCGRVIGLYGNGVVIKNGSYVSAITQGKREEETPVE
;
_entity_poly.pdbx_strand_id   A,B
#
# COMPACT_ATOMS: atom_id res chain seq x y z
N VAL A 6 -1.90 23.85 -1.34
CA VAL A 6 -1.87 22.33 -1.27
C VAL A 6 -0.40 21.84 -1.36
N ASP A 7 0.16 21.35 -0.25
CA ASP A 7 1.57 20.91 -0.11
C ASP A 7 1.81 19.64 -0.97
N MET A 8 0.99 18.64 -0.79
CA MET A 8 1.35 17.27 -1.27
C MET A 8 0.94 17.10 -2.73
N TYR A 9 1.75 16.40 -3.52
CA TYR A 9 1.52 16.28 -4.98
C TYR A 9 1.91 14.87 -5.41
N ILE A 10 1.31 14.39 -6.49
CA ILE A 10 1.58 13.01 -6.99
C ILE A 10 2.34 13.06 -8.31
N GLU A 11 3.16 12.02 -8.51
CA GLU A 11 3.93 11.88 -9.77
C GLU A 11 3.95 10.42 -10.19
N ARG A 12 3.60 10.17 -11.45
CA ARG A 12 3.51 8.77 -11.97
C ARG A 12 4.87 8.07 -11.81
N ALA A 13 4.80 6.78 -11.40
CA ALA A 13 6.02 5.96 -11.23
C ALA A 13 5.96 4.67 -12.07
N GLY A 14 4.83 4.29 -12.62
CA GLY A 14 4.82 3.10 -13.48
C GLY A 14 3.44 2.56 -13.73
N ASP A 15 3.40 1.45 -14.49
CA ASP A 15 2.17 0.72 -14.79
C ASP A 15 2.02 -0.37 -13.71
N ILE A 16 0.80 -0.80 -13.50
CA ILE A 16 0.52 -1.92 -12.55
C ILE A 16 0.35 -3.18 -13.37
N THR A 17 1.43 -3.93 -13.40
CA THR A 17 1.55 -5.15 -14.21
C THR A 17 2.34 -6.21 -13.42
N TRP A 18 1.91 -7.47 -13.54
CA TRP A 18 2.69 -8.63 -13.06
C TRP A 18 3.89 -8.79 -13.98
N GLU A 19 5.09 -8.87 -13.42
CA GLU A 19 6.31 -9.05 -14.27
C GLU A 19 6.86 -10.47 -14.10
N LYS A 20 6.98 -11.22 -15.20
CA LYS A 20 7.50 -12.62 -15.17
C LYS A 20 8.98 -12.62 -14.78
N ASP A 21 9.72 -11.53 -15.08
CA ASP A 21 11.16 -11.38 -14.75
C ASP A 21 11.38 -11.40 -13.22
N ALA A 22 10.37 -11.05 -12.40
CA ALA A 22 10.55 -10.56 -11.01
C ALA A 22 11.46 -11.51 -10.16
N GLU A 23 12.34 -10.83 -9.38
CA GLU A 23 13.11 -11.39 -8.23
C GLU A 23 12.11 -11.97 -7.22
N VAL A 24 12.37 -13.15 -6.69
CA VAL A 24 11.50 -13.89 -5.71
C VAL A 24 12.22 -13.90 -4.35
N THR A 25 11.63 -13.29 -3.32
CA THR A 25 12.25 -13.23 -1.97
C THR A 25 11.22 -12.95 -0.87
N GLY A 26 11.66 -12.94 0.40
CA GLY A 26 10.77 -12.81 1.56
C GLY A 26 10.32 -14.17 2.08
N ASN A 27 10.04 -14.24 3.36
CA ASN A 27 9.49 -15.46 4.01
C ASN A 27 7.98 -15.25 4.24
N SER A 28 7.34 -16.15 4.97
CA SER A 28 5.87 -16.26 5.12
C SER A 28 5.52 -16.49 6.58
N PRO A 29 5.80 -15.51 7.47
CA PRO A 29 5.58 -15.71 8.89
C PRO A 29 4.08 -15.79 9.20
N ARG A 30 3.71 -16.60 10.19
CA ARG A 30 2.32 -16.65 10.73
C ARG A 30 2.33 -15.98 12.11
N LEU A 31 1.63 -14.86 12.25
CA LEU A 31 1.77 -13.94 13.41
C LEU A 31 0.39 -13.69 14.03
N ASP A 32 0.30 -13.81 15.36
CA ASP A 32 -0.88 -13.34 16.14
C ASP A 32 -0.77 -11.82 16.33
N VAL A 33 -1.78 -11.08 15.88
CA VAL A 33 -1.71 -9.60 15.98
C VAL A 33 -3.04 -9.07 16.50
N ALA A 34 -3.00 -7.81 16.95
CA ALA A 34 -4.18 -7.01 17.35
C ALA A 34 -4.14 -5.67 16.61
N LEU A 35 -5.30 -5.15 16.26
CA LEU A 35 -5.44 -3.85 15.56
C LEU A 35 -6.21 -2.90 16.48
N ASP A 36 -5.59 -1.80 16.86
CA ASP A 36 -6.28 -0.84 17.76
C ASP A 36 -7.06 0.19 16.94
N GLU A 37 -7.78 1.07 17.65
CA GLU A 37 -8.70 2.03 17.04
C GLU A 37 -7.90 3.07 16.23
N SER A 38 -6.60 3.21 16.49
CA SER A 38 -5.77 4.17 15.69
C SER A 38 -5.16 3.51 14.44
N GLY A 39 -5.56 2.28 14.11
CA GLY A 39 -5.02 1.59 12.92
C GLY A 39 -3.60 1.12 13.14
N ASP A 40 -3.20 0.89 14.39
CA ASP A 40 -1.83 0.40 14.71
C ASP A 40 -1.92 -1.08 15.05
N PHE A 41 -1.12 -1.89 14.37
CA PHE A 41 -0.97 -3.32 14.70
C PHE A 41 0.04 -3.51 15.84
N SER A 42 -0.23 -4.48 16.69
CA SER A 42 0.73 -4.94 17.74
C SER A 42 0.79 -6.48 17.70
N LEU A 43 1.93 -7.04 18.04
CA LEU A 43 2.09 -8.51 18.15
C LEU A 43 1.39 -8.97 19.45
N VAL A 44 0.67 -10.10 19.41
CA VAL A 44 0.07 -10.72 20.64
C VAL A 44 0.95 -11.89 21.12
N THR B 55 -4.27 11.69 -14.63
CA THR B 55 -5.25 10.66 -14.14
C THR B 55 -5.08 9.33 -14.88
N THR B 56 -4.04 9.16 -15.71
CA THR B 56 -3.71 7.84 -16.25
C THR B 56 -3.69 6.87 -15.09
N ASP B 57 -4.27 5.70 -15.30
CA ASP B 57 -4.15 4.56 -14.37
C ASP B 57 -2.65 4.33 -14.15
N GLY B 58 -2.29 3.91 -12.96
CA GLY B 58 -0.94 3.43 -12.65
C GLY B 58 -0.57 3.67 -11.21
N VAL B 59 0.69 3.44 -10.87
CA VAL B 59 1.24 3.70 -9.53
C VAL B 59 1.92 5.07 -9.51
N TYR B 60 1.73 5.81 -8.41
CA TYR B 60 2.23 7.19 -8.25
C TYR B 60 2.96 7.36 -6.92
N ARG B 61 3.99 8.18 -6.91
CA ARG B 61 4.61 8.67 -5.67
C ARG B 61 3.75 9.78 -5.08
N VAL B 62 3.71 9.85 -3.74
CA VAL B 62 3.10 10.98 -3.01
C VAL B 62 4.23 11.81 -2.38
N MET B 63 4.37 13.07 -2.83
CA MET B 63 5.50 13.93 -2.45
C MET B 63 5.03 15.07 -1.55
N THR B 64 5.90 15.60 -0.69
CA THR B 64 5.66 16.88 0.02
C THR B 64 6.84 17.82 -0.17
N ARG B 65 6.58 19.14 -0.19
CA ARG B 65 7.63 20.16 -0.06
C ARG B 65 7.63 20.78 1.34
N ARG B 66 6.88 20.23 2.30
CA ARG B 66 6.77 20.79 3.70
C ARG B 66 8.06 20.53 4.48
N LEU B 67 8.76 19.42 4.19
CA LEU B 67 10.06 19.05 4.83
C LEU B 67 11.23 19.60 3.98
N LEU B 68 12.46 19.18 4.26
CA LEU B 68 13.64 19.64 3.46
C LEU B 68 13.45 19.22 1.99
N GLY B 69 13.87 20.09 1.01
CA GLY B 69 13.62 19.83 -0.43
C GLY B 69 12.23 19.20 -0.70
N SER B 70 12.22 18.14 -1.59
CA SER B 70 11.03 17.38 -2.00
C SER B 70 11.19 15.95 -1.45
N THR B 71 10.27 15.55 -0.61
CA THR B 71 10.35 14.28 0.16
C THR B 71 9.23 13.35 -0.29
N GLN B 72 9.50 12.04 -0.47
CA GLN B 72 8.45 11.05 -0.79
C GLN B 72 7.88 10.51 0.53
N VAL B 73 6.63 10.81 0.81
CA VAL B 73 5.96 10.31 2.05
C VAL B 73 5.17 9.03 1.80
N GLY B 74 4.83 8.69 0.55
CA GLY B 74 4.23 7.39 0.26
C GLY B 74 3.97 7.18 -1.21
N VAL B 75 3.00 6.34 -1.50
CA VAL B 75 2.72 5.78 -2.84
C VAL B 75 1.22 5.52 -2.92
N GLY B 76 0.67 5.54 -4.13
CA GLY B 76 -0.71 5.08 -4.29
C GLY B 76 -1.02 4.64 -5.68
N VAL B 77 -2.27 4.27 -5.89
CA VAL B 77 -2.79 3.64 -7.12
C VAL B 77 -3.91 4.48 -7.70
N MET B 78 -3.78 4.89 -8.97
CA MET B 78 -4.86 5.51 -9.74
C MET B 78 -5.57 4.39 -10.49
N GLN B 79 -6.86 4.18 -10.26
CA GLN B 79 -7.69 3.20 -11.00
C GLN B 79 -9.10 3.73 -11.13
N GLU B 80 -9.66 3.70 -12.32
CA GLU B 80 -11.06 4.14 -12.58
C GLU B 80 -11.26 5.60 -12.11
N GLY B 81 -10.26 6.47 -12.27
CA GLY B 81 -10.33 7.90 -11.93
C GLY B 81 -10.31 8.15 -10.43
N VAL B 82 -9.99 7.14 -9.62
CA VAL B 82 -9.86 7.31 -8.14
C VAL B 82 -8.43 7.07 -7.70
N PHE B 83 -7.92 7.90 -6.80
CA PHE B 83 -6.58 7.72 -6.23
C PHE B 83 -6.67 7.04 -4.86
N HIS B 84 -5.95 5.96 -4.67
CA HIS B 84 -6.03 5.07 -3.49
C HIS B 84 -4.69 5.12 -2.74
N THR B 85 -4.66 5.41 -1.45
CA THR B 85 -3.42 5.38 -0.66
C THR B 85 -3.74 5.04 0.79
N MET B 86 -2.72 5.05 1.63
CA MET B 86 -2.89 4.75 3.08
C MET B 86 -3.17 6.06 3.81
N TRP B 87 -4.12 6.01 4.77
CA TRP B 87 -4.44 7.20 5.56
C TRP B 87 -3.20 7.84 6.16
N HIS B 88 -2.28 7.07 6.74
CA HIS B 88 -1.13 7.65 7.47
C HIS B 88 -0.17 8.37 6.51
N VAL B 89 -0.27 8.14 5.21
CA VAL B 89 0.55 8.88 4.20
C VAL B 89 0.10 10.34 4.04
N THR B 90 -1.19 10.56 3.88
CA THR B 90 -1.74 11.92 3.57
C THR B 90 -2.46 12.55 4.77
N LYS B 91 -2.82 11.74 5.78
CA LYS B 91 -3.68 12.19 6.91
C LYS B 91 -4.94 12.89 6.38
N GLY B 92 -5.39 12.51 5.19
CA GLY B 92 -6.66 13.04 4.62
C GLY B 92 -6.53 14.40 3.98
N ALA B 93 -5.32 14.92 3.80
CA ALA B 93 -5.05 16.22 3.11
C ALA B 93 -5.40 16.12 1.63
N ALA B 94 -5.74 17.27 1.03
CA ALA B 94 -5.89 17.34 -0.43
C ALA B 94 -4.55 17.09 -1.12
N LEU B 95 -4.59 16.67 -2.39
CA LEU B 95 -3.38 16.41 -3.20
C LEU B 95 -3.42 17.25 -4.49
N ARG B 96 -2.27 17.59 -5.04
CA ARG B 96 -2.20 18.21 -6.38
C ARG B 96 -1.74 17.13 -7.37
N SER B 97 -2.27 17.18 -8.58
CA SER B 97 -1.73 16.43 -9.74
C SER B 97 -1.54 17.45 -10.86
N GLY B 98 -0.31 17.87 -11.14
CA GLY B 98 -0.07 19.02 -12.04
C GLY B 98 -0.76 20.26 -11.49
N GLU B 99 -1.64 20.87 -12.29
CA GLU B 99 -2.40 22.09 -11.91
C GLU B 99 -3.72 21.70 -11.23
N GLY B 100 -4.09 20.41 -11.20
CA GLY B 100 -5.40 19.99 -10.70
C GLY B 100 -5.30 19.60 -9.23
N ARG B 101 -6.45 19.50 -8.57
CA ARG B 101 -6.55 19.15 -7.14
C ARG B 101 -7.32 17.83 -7.03
N LEU B 102 -6.93 16.99 -6.09
CA LEU B 102 -7.67 15.73 -5.75
C LEU B 102 -8.16 15.93 -4.32
N ASP B 103 -9.46 15.80 -4.11
CA ASP B 103 -10.07 15.96 -2.76
C ASP B 103 -10.37 14.58 -2.20
N PRO B 104 -10.23 14.38 -0.88
CA PRO B 104 -10.57 13.10 -0.27
C PRO B 104 -12.07 12.85 -0.42
N TYR B 105 -12.41 11.58 -0.58
CA TYR B 105 -13.80 11.16 -0.79
C TYR B 105 -14.25 10.17 0.30
N TRP B 106 -13.36 9.29 0.66
CA TRP B 106 -13.66 8.25 1.70
C TRP B 106 -12.35 8.01 2.46
N GLY B 107 -12.47 7.74 3.76
CA GLY B 107 -11.27 7.30 4.50
C GLY B 107 -11.62 6.77 5.89
N ASP B 108 -10.66 6.00 6.45
CA ASP B 108 -10.87 5.32 7.74
C ASP B 108 -9.51 5.12 8.39
N VAL B 109 -9.29 5.76 9.51
CA VAL B 109 -8.00 5.63 10.26
C VAL B 109 -7.75 4.18 10.70
N LYS B 110 -8.78 3.44 11.10
CA LYS B 110 -8.54 2.05 11.60
C LYS B 110 -8.12 1.13 10.46
N GLN B 111 -8.75 1.23 9.29
CA GLN B 111 -8.37 0.45 8.10
C GLN B 111 -7.04 1.00 7.54
N ASP B 112 -6.71 2.25 7.87
CA ASP B 112 -5.52 3.00 7.36
C ASP B 112 -5.62 3.17 5.85
N LEU B 113 -6.79 3.52 5.32
CA LEU B 113 -7.00 3.73 3.87
C LEU B 113 -7.73 5.04 3.60
N VAL B 114 -7.53 5.55 2.38
CA VAL B 114 -8.21 6.78 1.90
C VAL B 114 -8.33 6.72 0.38
N SER B 115 -9.47 7.18 -0.13
CA SER B 115 -9.65 7.36 -1.60
C SER B 115 -9.92 8.82 -1.92
N TYR B 116 -9.52 9.24 -3.11
CA TYR B 116 -9.66 10.61 -3.66
C TYR B 116 -10.47 10.54 -4.94
N CYS B 117 -11.40 11.49 -5.13
CA CYS B 117 -12.18 11.72 -6.37
C CYS B 117 -13.37 10.76 -6.53
N GLY B 118 -13.47 9.74 -5.70
CA GLY B 118 -14.55 8.77 -5.77
C GLY B 118 -14.30 7.66 -4.77
N PRO B 119 -15.26 6.72 -4.72
CA PRO B 119 -15.21 5.62 -3.75
C PRO B 119 -14.09 4.61 -4.08
N TRP B 120 -13.67 3.89 -3.05
CA TRP B 120 -12.64 2.84 -3.13
C TRP B 120 -13.04 1.85 -4.25
N LYS B 121 -12.14 1.59 -5.20
CA LYS B 121 -12.48 0.78 -6.41
C LYS B 121 -11.81 -0.59 -6.37
N LEU B 122 -10.81 -0.81 -5.52
CA LEU B 122 -9.96 -2.04 -5.55
C LEU B 122 -10.67 -3.13 -4.77
N ASP B 123 -10.99 -4.25 -5.40
CA ASP B 123 -11.79 -5.27 -4.67
C ASP B 123 -11.22 -6.68 -4.85
N ALA B 124 -10.12 -6.85 -5.56
CA ALA B 124 -9.48 -8.18 -5.65
C ALA B 124 -8.91 -8.59 -4.27
N ALA B 125 -8.87 -9.91 -4.04
CA ALA B 125 -8.45 -10.53 -2.77
C ALA B 125 -7.35 -11.54 -3.01
N TRP B 126 -6.39 -11.61 -2.08
CA TRP B 126 -5.42 -12.71 -2.06
C TRP B 126 -6.19 -14.05 -1.98
N ASP B 127 -5.88 -15.03 -2.83
CA ASP B 127 -6.65 -16.32 -2.80
C ASP B 127 -6.25 -17.19 -1.60
N GLY B 128 -5.18 -16.83 -0.87
CA GLY B 128 -4.72 -17.55 0.34
C GLY B 128 -3.70 -18.64 0.05
N LEU B 129 -3.30 -18.83 -1.22
CA LEU B 129 -2.48 -19.98 -1.70
C LEU B 129 -1.29 -19.52 -2.59
N SER B 130 -1.54 -18.54 -3.49
CA SER B 130 -0.61 -18.18 -4.60
C SER B 130 0.45 -17.18 -4.15
N GLU B 131 1.64 -17.18 -4.75
CA GLU B 131 2.57 -16.02 -4.63
C GLU B 131 1.91 -14.76 -5.26
N VAL B 132 2.41 -13.62 -4.73
CA VAL B 132 1.95 -12.28 -5.14
C VAL B 132 3.17 -11.44 -5.53
N GLN B 133 2.94 -10.22 -6.05
CA GLN B 133 4.04 -9.26 -6.30
C GLN B 133 3.78 -7.96 -5.58
N LEU B 134 4.77 -7.49 -4.85
CA LEU B 134 4.82 -6.10 -4.38
C LEU B 134 5.40 -5.26 -5.52
N LEU B 135 4.66 -4.26 -5.98
CA LEU B 135 5.20 -3.23 -6.89
C LEU B 135 5.75 -2.14 -5.97
N ALA B 136 6.97 -2.35 -5.51
CA ALA B 136 7.63 -1.43 -4.57
C ALA B 136 8.07 -0.14 -5.30
N VAL B 137 7.75 1.01 -4.72
CA VAL B 137 8.19 2.32 -5.27
C VAL B 137 8.93 3.05 -4.16
N PRO B 138 10.21 2.73 -3.91
CA PRO B 138 10.95 3.33 -2.80
C PRO B 138 11.35 4.78 -3.08
N PRO B 139 11.55 5.64 -2.06
CA PRO B 139 11.98 7.04 -2.27
C PRO B 139 13.23 7.11 -3.15
N GLY B 140 13.18 7.93 -4.21
CA GLY B 140 14.31 8.18 -5.11
C GLY B 140 14.75 7.00 -5.98
N GLU B 141 13.99 5.88 -6.00
CA GLU B 141 14.38 4.64 -6.71
C GLU B 141 13.27 4.24 -7.70
N ARG B 142 13.67 3.56 -8.77
CA ARG B 142 12.71 3.05 -9.77
C ARG B 142 11.75 2.02 -9.15
N ALA B 143 10.49 2.05 -9.69
CA ALA B 143 9.50 0.99 -9.34
C ALA B 143 10.07 -0.38 -9.72
N LYS B 144 9.90 -1.35 -8.84
CA LYS B 144 10.42 -2.72 -9.02
C LYS B 144 9.40 -3.73 -8.49
N ASN B 145 9.13 -4.79 -9.24
CA ASN B 145 8.26 -5.91 -8.79
C ASN B 145 9.10 -6.91 -7.98
N ILE B 146 8.60 -7.27 -6.79
CA ILE B 146 9.22 -8.31 -5.91
C ILE B 146 8.19 -9.42 -5.67
N GLN B 147 8.45 -10.64 -6.10
CA GLN B 147 7.50 -11.76 -5.94
C GLN B 147 7.73 -12.45 -4.59
N THR B 148 6.68 -12.90 -3.91
CA THR B 148 6.85 -13.45 -2.52
C THR B 148 5.60 -14.36 -2.22
N LEU B 149 5.75 -15.37 -1.36
CA LEU B 149 4.58 -16.11 -0.76
C LEU B 149 4.18 -15.39 0.55
N PRO B 150 2.98 -14.75 0.64
CA PRO B 150 2.57 -14.09 1.88
C PRO B 150 2.60 -15.05 3.10
N GLY B 151 2.81 -14.44 4.28
CA GLY B 151 2.41 -15.11 5.53
C GLY B 151 1.02 -14.66 5.92
N ILE B 152 0.69 -14.82 7.20
CA ILE B 152 -0.67 -14.54 7.74
C ILE B 152 -0.52 -13.67 8.99
N PHE B 153 -1.37 -12.65 9.09
CA PHE B 153 -1.75 -11.99 10.36
C PHE B 153 -3.01 -12.70 10.85
N LYS B 154 -2.94 -13.29 12.04
CA LYS B 154 -4.10 -13.90 12.73
C LYS B 154 -4.59 -12.82 13.84
N THR B 155 -5.94 -12.45 13.57
CA THR B 155 -6.66 -11.50 14.46
C THR B 155 -7.92 -12.12 15.04
N LYS B 156 -8.44 -11.47 16.09
CA LYS B 156 -9.72 -11.85 16.74
C LYS B 156 -10.88 -11.77 15.72
N ASP B 157 -10.72 -10.97 14.65
CA ASP B 157 -11.79 -10.74 13.64
C ASP B 157 -11.43 -11.46 12.33
N GLY B 158 -10.44 -12.36 12.34
CA GLY B 158 -10.10 -13.19 11.18
C GLY B 158 -8.68 -12.96 10.68
N ASP B 159 -8.30 -13.69 9.63
CA ASP B 159 -6.89 -13.78 9.16
C ASP B 159 -6.74 -12.92 7.91
N ILE B 160 -5.57 -12.28 7.78
CA ILE B 160 -5.19 -11.32 6.70
C ILE B 160 -3.87 -11.85 6.14
N GLY B 161 -3.66 -11.81 4.82
CA GLY B 161 -2.30 -12.05 4.30
C GLY B 161 -1.31 -10.97 4.77
N ALA B 162 -0.03 -11.33 4.80
N ALA B 162 -0.03 -11.29 4.81
CA ALA B 162 1.10 -10.52 5.29
CA ALA B 162 1.02 -10.33 5.21
C ALA B 162 2.25 -10.63 4.30
C ALA B 162 2.32 -10.62 4.44
N VAL B 163 2.95 -9.53 4.00
CA VAL B 163 4.15 -9.54 3.11
C VAL B 163 5.36 -9.18 3.95
N ALA B 164 6.38 -10.06 3.96
CA ALA B 164 7.59 -9.90 4.80
C ALA B 164 8.71 -9.32 3.92
N LEU B 165 8.62 -8.04 3.58
CA LEU B 165 9.61 -7.29 2.76
C LEU B 165 9.90 -5.94 3.43
N ASP B 166 11.17 -5.55 3.53
CA ASP B 166 11.61 -4.38 4.34
C ASP B 166 11.90 -3.25 3.34
N TYR B 167 11.09 -2.18 3.34
CA TYR B 167 11.32 -0.94 2.55
C TYR B 167 11.18 0.27 3.46
N PRO B 168 11.76 1.43 3.07
CA PRO B 168 11.61 2.66 3.85
C PRO B 168 10.15 3.09 3.99
N ALA B 169 9.84 3.83 5.06
CA ALA B 169 8.48 4.34 5.34
C ALA B 169 7.81 4.96 4.13
N GLY B 170 8.54 5.72 3.30
CA GLY B 170 7.96 6.44 2.13
C GLY B 170 7.48 5.50 1.03
N THR B 171 7.68 4.17 1.17
CA THR B 171 7.18 3.13 0.25
C THR B 171 5.73 2.76 0.61
N SER B 172 5.22 3.23 1.77
CA SER B 172 3.82 2.93 2.18
C SER B 172 2.84 3.31 1.08
N GLY B 173 1.85 2.47 0.83
CA GLY B 173 0.86 2.62 -0.26
C GLY B 173 1.22 1.91 -1.55
N SER B 174 2.41 1.30 -1.63
CA SER B 174 2.81 0.50 -2.82
C SER B 174 1.82 -0.64 -2.97
N PRO B 175 1.35 -0.92 -4.21
CA PRO B 175 0.36 -1.95 -4.43
C PRO B 175 0.90 -3.38 -4.45
N ILE B 176 0.09 -4.32 -3.96
CA ILE B 176 0.37 -5.77 -3.99
C ILE B 176 -0.57 -6.40 -5.04
N LEU B 177 -0.03 -7.19 -5.95
CA LEU B 177 -0.74 -7.65 -7.17
C LEU B 177 -0.90 -9.16 -7.18
N ASP B 178 -2.00 -9.65 -7.79
CA ASP B 178 -2.16 -11.09 -8.12
C ASP B 178 -1.65 -11.30 -9.56
N LYS B 179 -1.73 -12.53 -10.04
CA LYS B 179 -1.06 -12.91 -11.32
C LYS B 179 -1.80 -12.30 -12.50
N CYS B 180 -2.99 -11.75 -12.29
CA CYS B 180 -3.78 -11.06 -13.33
C CYS B 180 -3.47 -9.56 -13.32
N GLY B 181 -2.54 -9.11 -12.48
CA GLY B 181 -2.20 -7.69 -12.30
C GLY B 181 -3.27 -6.94 -11.52
N ARG B 182 -4.18 -7.64 -10.83
CA ARG B 182 -5.18 -6.94 -10.00
C ARG B 182 -4.56 -6.52 -8.66
N VAL B 183 -4.97 -5.37 -8.12
CA VAL B 183 -4.43 -4.91 -6.83
C VAL B 183 -5.24 -5.59 -5.73
N ILE B 184 -4.59 -6.44 -4.96
CA ILE B 184 -5.25 -7.19 -3.85
C ILE B 184 -5.04 -6.47 -2.51
N GLY B 185 -4.30 -5.36 -2.46
CA GLY B 185 -4.17 -4.52 -1.27
C GLY B 185 -3.00 -3.58 -1.39
N LEU B 186 -2.77 -2.79 -0.37
CA LEU B 186 -1.64 -1.86 -0.28
C LEU B 186 -0.71 -2.30 0.84
N TYR B 187 0.56 -2.17 0.54
CA TYR B 187 1.69 -2.42 1.47
C TYR B 187 1.98 -1.20 2.32
N GLY B 188 2.19 -1.35 3.63
CA GLY B 188 2.77 -0.26 4.45
C GLY B 188 2.03 -0.03 5.76
N ASN B 189 1.20 -0.98 6.25
CA ASN B 189 0.73 -0.95 7.65
C ASN B 189 1.00 -2.31 8.26
N GLY B 190 1.84 -2.33 9.28
CA GLY B 190 2.22 -3.64 9.85
C GLY B 190 3.00 -3.53 11.12
N VAL B 191 3.90 -4.49 11.35
CA VAL B 191 4.58 -4.63 12.66
C VAL B 191 6.08 -4.85 12.38
N VAL B 192 6.89 -4.58 13.41
CA VAL B 192 8.30 -5.06 13.47
C VAL B 192 8.32 -6.30 14.37
N ILE B 193 8.94 -7.39 13.89
CA ILE B 193 8.84 -8.68 14.63
C ILE B 193 10.13 -8.91 15.44
N LYS B 194 10.08 -9.87 16.37
CA LYS B 194 11.16 -10.20 17.35
C LYS B 194 12.52 -10.05 16.66
N ASN B 195 12.70 -10.72 15.51
CA ASN B 195 14.00 -10.79 14.80
C ASN B 195 14.32 -9.45 14.10
N GLY B 196 13.41 -8.47 14.10
CA GLY B 196 13.68 -7.09 13.63
C GLY B 196 13.11 -6.77 12.25
N SER B 197 12.56 -7.76 11.52
CA SER B 197 12.10 -7.53 10.13
C SER B 197 10.81 -6.70 10.19
N TYR B 198 10.50 -6.01 9.11
CA TYR B 198 9.18 -5.34 8.90
C TYR B 198 8.28 -6.37 8.21
N VAL B 199 7.04 -6.53 8.69
CA VAL B 199 6.02 -7.35 8.02
C VAL B 199 4.78 -6.45 7.86
N SER B 200 4.29 -6.37 6.64
CA SER B 200 3.11 -5.52 6.29
C SER B 200 1.86 -6.41 6.17
N ALA B 201 0.70 -5.96 6.67
CA ALA B 201 -0.57 -6.53 6.25
C ALA B 201 -0.74 -6.33 4.74
N ILE B 202 -1.54 -7.20 4.14
CA ILE B 202 -2.13 -6.90 2.82
C ILE B 202 -3.44 -6.13 3.12
N THR B 203 -3.41 -4.79 3.02
CA THR B 203 -4.58 -3.97 3.44
C THR B 203 -5.47 -3.72 2.23
N GLN B 204 -6.71 -4.20 2.23
CA GLN B 204 -7.66 -4.00 1.13
C GLN B 204 -8.92 -3.33 1.68
N GLY B 205 -9.50 -2.44 0.89
CA GLY B 205 -10.74 -1.75 1.24
C GLY B 205 -11.94 -2.50 0.70
N LYS B 206 -13.14 -1.93 0.88
CA LYS B 206 -14.42 -2.50 0.35
C LYS B 206 -14.87 -1.64 -0.84
N ARG B 207 -15.23 -2.27 -1.96
CA ARG B 207 -15.89 -1.57 -3.09
C ARG B 207 -17.41 -1.64 -2.85
N GLU B 208 -18.07 -0.49 -2.58
CA GLU B 208 -19.48 -0.38 -2.05
C GLU B 208 -20.50 -0.71 -3.14
#